data_3F3R
#
_entry.id   3F3R
#
_cell.length_a   38.530
_cell.length_b   38.810
_cell.length_c   41.700
_cell.angle_alpha   72.91
_cell.angle_beta   87.51
_cell.angle_gamma   60.58
#
_symmetry.space_group_name_H-M   'P 1'
#
loop_
_entity.id
_entity.type
_entity.pdbx_description
1 polymer Thioredoxin-1
2 non-polymer GLUTATHIONE
3 non-polymer 'SULFATE ION'
4 water water
#
_entity_poly.entity_id   1
_entity_poly.type   'polypeptide(L)'
_entity_poly.pdbx_seq_one_letter_code
;HHHHHHMVTQFKTASEFDSAIAQDKLVVVDFYATWCGPSKMIAPMIEKFSEQYPQADFYKLDVDELGDVAQKNEVSAMPT
LLLFKNGKEVAKVVGANPAAIKQAIAANA
;
_entity_poly.pdbx_strand_id   A,B
#
loop_
_chem_comp.id
_chem_comp.type
_chem_comp.name
_chem_comp.formula
GSH non-polymer GLUTATHIONE 'C10 H17 N3 O6 S'
SO4 non-polymer 'SULFATE ION' 'O4 S -2'
#
# COMPACT_ATOMS: atom_id res chain seq x y z
N HIS A 4 15.03 17.82 -13.98
CA HIS A 4 16.01 18.14 -12.90
C HIS A 4 16.96 16.97 -12.63
N HIS A 5 18.19 17.28 -12.20
CA HIS A 5 19.14 16.24 -11.79
C HIS A 5 18.83 15.85 -10.34
N HIS A 6 19.34 14.70 -9.90
CA HIS A 6 19.32 14.32 -8.46
C HIS A 6 17.93 14.05 -7.87
N MET A 7 16.96 13.66 -8.70
CA MET A 7 15.59 13.51 -8.19
C MET A 7 15.32 12.32 -7.25
N VAL A 8 16.10 11.25 -7.39
CA VAL A 8 15.97 10.10 -6.52
C VAL A 8 17.23 10.03 -5.66
N THR A 9 17.04 10.13 -4.35
CA THR A 9 18.19 9.95 -3.46
C THR A 9 18.24 8.57 -2.80
N GLN A 10 19.47 8.07 -2.66
CA GLN A 10 19.69 6.81 -1.97
C GLN A 10 19.85 7.07 -0.48
N PHE A 11 19.00 6.43 0.34
CA PHE A 11 19.19 6.46 1.81
C PHE A 11 20.51 5.76 2.23
N LYS A 12 21.20 6.35 3.20
CA LYS A 12 22.46 5.79 3.74
C LYS A 12 22.40 5.34 5.21
N THR A 13 21.44 5.87 5.98
CA THR A 13 21.20 5.42 7.36
C THR A 13 19.70 5.33 7.69
N ALA A 14 19.37 4.59 8.76
CA ALA A 14 17.99 4.54 9.26
C ALA A 14 17.51 5.94 9.69
N SER A 15 18.40 6.68 10.34
CA SER A 15 18.04 8.00 10.85
C SER A 15 17.64 8.94 9.71
N GLU A 16 18.35 8.86 8.58
CA GLU A 16 18.01 9.63 7.38
C GLU A 16 16.57 9.36 6.93
N PHE A 17 16.23 8.07 6.86
CA PHE A 17 14.87 7.66 6.54
C PHE A 17 13.83 8.27 7.51
N ASP A 18 14.06 8.10 8.81
CA ASP A 18 13.12 8.59 9.84
C ASP A 18 12.85 10.10 9.65
N SER A 19 13.91 10.85 9.37
CA SER A 19 13.78 12.30 9.14
C SER A 19 13.03 12.61 7.82
N ALA A 20 13.41 11.92 6.76
CA ALA A 20 12.86 12.19 5.45
C ALA A 20 11.36 11.97 5.43
N ILE A 21 10.89 10.89 6.04
CA ILE A 21 9.47 10.56 5.96
C ILE A 21 8.59 11.51 6.81
N ALA A 22 9.22 12.32 7.68
CA ALA A 22 8.52 13.27 8.55
C ALA A 22 8.09 14.55 7.80
N GLN A 23 8.57 14.70 6.57
CA GLN A 23 8.30 15.91 5.79
C GLN A 23 6.81 16.11 5.50
N ASP A 24 6.40 17.38 5.32
CA ASP A 24 5.00 17.73 4.98
C ASP A 24 4.81 17.70 3.48
N LYS A 25 4.95 16.50 2.93
CA LYS A 25 4.82 16.24 1.49
C LYS A 25 4.74 14.75 1.34
N LEU A 26 4.41 14.29 0.14
CA LEU A 26 4.50 12.86 -0.12
C LEU A 26 5.97 12.47 -0.28
N VAL A 27 6.38 11.42 0.42
CA VAL A 27 7.73 10.84 0.33
C VAL A 27 7.57 9.38 -0.14
N VAL A 28 8.22 9.05 -1.25
CA VAL A 28 8.06 7.74 -1.91
C VAL A 28 9.37 7.01 -1.72
N VAL A 29 9.30 5.79 -1.17
CA VAL A 29 10.53 5.02 -0.89
C VAL A 29 10.47 3.65 -1.58
N ASP A 30 11.45 3.45 -2.45
CA ASP A 30 11.66 2.21 -3.20
C ASP A 30 12.57 1.26 -2.40
N PHE A 31 11.98 0.22 -1.80
CA PHE A 31 12.76 -0.83 -1.11
C PHE A 31 13.12 -1.93 -2.11
N TYR A 32 14.41 -2.16 -2.31
CA TYR A 32 14.88 -3.06 -3.36
C TYR A 32 16.06 -3.88 -2.86
N ALA A 33 16.45 -4.88 -3.65
CA ALA A 33 17.64 -5.65 -3.33
C ALA A 33 18.32 -5.99 -4.64
N THR A 34 19.65 -5.89 -4.68
CA THR A 34 20.39 -6.03 -5.94
C THR A 34 20.31 -7.44 -6.52
N TRP A 35 20.08 -8.44 -5.68
CA TRP A 35 19.90 -9.84 -6.19
C TRP A 35 18.50 -10.07 -6.78
N CYS A 36 17.56 -9.15 -6.50
CA CYS A 36 16.20 -9.23 -7.00
C CYS A 36 15.95 -8.29 -8.21
N GLY A 37 16.02 -8.89 -9.40
CA GLY A 37 15.82 -8.19 -10.68
C GLY A 37 14.56 -7.37 -10.78
N PRO A 38 13.38 -7.98 -10.50
CA PRO A 38 12.14 -7.21 -10.46
C PRO A 38 12.30 -5.95 -9.63
N SER A 39 13.02 -6.04 -8.49
CA SER A 39 13.16 -4.86 -7.62
C SER A 39 14.03 -3.75 -8.19
N LYS A 40 15.03 -4.13 -9.00
CA LYS A 40 15.94 -3.19 -9.67
C LYS A 40 15.24 -2.43 -10.80
N MET A 41 14.14 -3.01 -11.28
CA MET A 41 13.29 -2.32 -12.24
C MET A 41 12.59 -1.09 -11.68
N ILE A 42 12.47 -0.95 -10.35
CA ILE A 42 11.73 0.21 -9.79
C ILE A 42 12.45 1.54 -10.01
N ALA A 43 13.79 1.53 -9.84
CA ALA A 43 14.63 2.75 -10.06
C ALA A 43 14.31 3.59 -11.33
N PRO A 44 14.48 3.03 -12.56
CA PRO A 44 14.15 3.81 -13.75
C PRO A 44 12.70 4.29 -13.83
N MET A 45 11.77 3.50 -13.28
CA MET A 45 10.35 3.87 -13.24
CA MET A 45 10.34 3.87 -13.25
C MET A 45 10.14 5.09 -12.36
N ILE A 46 10.70 5.03 -11.16
CA ILE A 46 10.66 6.11 -10.17
C ILE A 46 11.35 7.39 -10.67
N GLU A 47 12.40 7.23 -11.44
CA GLU A 47 13.07 8.34 -12.10
C GLU A 47 12.12 9.09 -13.03
N LYS A 48 11.37 8.34 -13.84
CA LYS A 48 10.35 8.97 -14.68
C LYS A 48 9.26 9.63 -13.86
N PHE A 49 8.73 8.91 -12.86
CA PHE A 49 7.65 9.46 -12.00
C PHE A 49 8.06 10.72 -11.22
N SER A 50 9.31 10.76 -10.75
CA SER A 50 9.85 11.92 -10.01
C SER A 50 9.75 13.22 -10.81
N GLU A 51 9.87 13.14 -12.13
CA GLU A 51 9.78 14.34 -12.98
C GLU A 51 8.33 14.76 -13.25
N GLN A 52 7.40 13.81 -13.12
CA GLN A 52 5.97 14.06 -13.30
C GLN A 52 5.31 14.62 -12.04
N TYR A 53 5.88 14.24 -10.89
CA TYR A 53 5.39 14.61 -9.55
C TYR A 53 6.53 15.28 -8.73
N PRO A 54 7.09 16.39 -9.24
CA PRO A 54 8.24 17.02 -8.57
C PRO A 54 7.93 17.52 -7.15
N GLN A 55 6.65 17.69 -6.82
CA GLN A 55 6.23 18.09 -5.47
C GLN A 55 6.37 16.98 -4.41
N ALA A 56 6.52 15.75 -4.89
CA ALA A 56 6.80 14.59 -4.03
C ALA A 56 8.32 14.37 -4.01
N ASP A 57 8.80 13.79 -2.91
CA ASP A 57 10.22 13.40 -2.81
C ASP A 57 10.35 11.92 -3.11
N PHE A 58 11.43 11.55 -3.79
CA PHE A 58 11.63 10.13 -4.16
C PHE A 58 12.93 9.61 -3.62
N TYR A 59 12.89 8.41 -3.03
CA TYR A 59 14.10 7.80 -2.49
C TYR A 59 14.18 6.31 -2.83
N LYS A 60 15.39 5.77 -2.79
CA LYS A 60 15.56 4.33 -2.88
C LYS A 60 16.33 3.84 -1.66
N LEU A 61 16.15 2.57 -1.34
CA LEU A 61 16.74 1.97 -0.13
C LEU A 61 17.04 0.53 -0.42
N ASP A 62 18.32 0.19 -0.35
CA ASP A 62 18.80 -1.16 -0.54
C ASP A 62 18.63 -1.90 0.78
N VAL A 63 17.74 -2.89 0.81
CA VAL A 63 17.40 -3.53 2.07
C VAL A 63 18.58 -4.31 2.66
N ASP A 64 19.58 -4.60 1.82
CA ASP A 64 20.76 -5.33 2.27
C ASP A 64 21.82 -4.40 2.89
N GLU A 65 21.63 -3.08 2.69
CA GLU A 65 22.44 -2.07 3.38
C GLU A 65 21.70 -1.53 4.61
N LEU A 66 20.38 -1.45 4.51
CA LEU A 66 19.56 -0.84 5.57
C LEU A 66 18.45 -1.79 5.99
N GLY A 67 18.86 -3.02 6.34
CA GLY A 67 17.93 -4.05 6.80
C GLY A 67 17.14 -3.67 8.06
N ASP A 68 17.75 -2.81 8.89
CA ASP A 68 17.04 -2.28 10.05
C ASP A 68 15.72 -1.56 9.65
N VAL A 69 15.80 -0.71 8.62
CA VAL A 69 14.64 0.04 8.10
C VAL A 69 13.61 -0.91 7.51
N ALA A 70 14.10 -1.89 6.74
CA ALA A 70 13.24 -2.93 6.16
C ALA A 70 12.42 -3.67 7.22
N GLN A 71 13.09 -4.14 8.29
CA GLN A 71 12.45 -4.89 9.38
C GLN A 71 11.44 -4.01 10.13
N LYS A 72 11.84 -2.78 10.45
CA LYS A 72 11.00 -1.83 11.22
C LYS A 72 9.70 -1.49 10.49
N ASN A 73 9.78 -1.47 9.16
CA ASN A 73 8.65 -1.13 8.31
C ASN A 73 7.98 -2.34 7.72
N GLU A 74 8.39 -3.50 8.21
CA GLU A 74 7.75 -4.79 7.90
C GLU A 74 7.72 -5.03 6.41
N VAL A 75 8.85 -4.72 5.75
CA VAL A 75 9.06 -4.95 4.32
C VAL A 75 9.69 -6.31 4.15
N SER A 76 9.04 -7.18 3.40
CA SER A 76 9.58 -8.51 3.18
C SER A 76 9.75 -8.79 1.70
N ALA A 77 8.76 -8.45 0.89
CA ALA A 77 8.81 -8.76 -0.54
C ALA A 77 9.51 -7.62 -1.28
N MET A 78 10.30 -8.01 -2.26
CA MET A 78 11.08 -7.10 -3.08
C MET A 78 10.48 -7.06 -4.48
N PRO A 79 10.25 -5.88 -5.06
CA PRO A 79 10.33 -4.56 -4.43
C PRO A 79 9.11 -4.28 -3.59
N THR A 80 9.25 -3.38 -2.61
CA THR A 80 8.05 -2.80 -1.98
C THR A 80 8.22 -1.29 -2.05
N LEU A 81 7.18 -0.60 -2.50
CA LEU A 81 7.14 0.88 -2.47
C LEU A 81 6.26 1.30 -1.31
N LEU A 82 6.84 2.11 -0.43
CA LEU A 82 6.11 2.67 0.69
C LEU A 82 5.99 4.16 0.50
N LEU A 83 4.79 4.68 0.73
CA LEU A 83 4.52 6.09 0.55
C LEU A 83 4.14 6.68 1.89
N PHE A 84 4.75 7.82 2.23
CA PHE A 84 4.49 8.48 3.50
C PHE A 84 4.06 9.91 3.27
N LYS A 85 3.23 10.38 4.19
CA LYS A 85 3.00 11.81 4.38
C LYS A 85 2.98 12.16 5.88
N ASN A 86 3.86 13.08 6.26
CA ASN A 86 3.90 13.62 7.61
C ASN A 86 4.13 12.55 8.64
N GLY A 87 5.06 11.65 8.31
CA GLY A 87 5.49 10.60 9.20
C GLY A 87 4.55 9.42 9.18
N LYS A 88 3.48 9.54 8.40
CA LYS A 88 2.41 8.51 8.33
C LYS A 88 2.40 7.74 7.02
N GLU A 89 2.38 6.41 7.09
CA GLU A 89 2.31 5.58 5.87
C GLU A 89 0.93 5.73 5.23
N VAL A 90 0.90 6.19 3.98
CA VAL A 90 -0.36 6.32 3.25
C VAL A 90 -0.60 5.26 2.15
N ALA A 91 0.44 4.58 1.68
CA ALA A 91 0.26 3.52 0.66
C ALA A 91 1.38 2.52 0.71
N LYS A 92 1.13 1.33 0.20
CA LYS A 92 2.17 0.34 0.02
C LYS A 92 1.82 -0.39 -1.27
N VAL A 93 2.81 -0.57 -2.13
CA VAL A 93 2.62 -1.37 -3.33
C VAL A 93 3.75 -2.38 -3.39
N VAL A 94 3.41 -3.68 -3.32
CA VAL A 94 4.40 -4.72 -3.49
C VAL A 94 4.46 -5.11 -4.98
N GLY A 95 5.67 -5.21 -5.51
CA GLY A 95 5.90 -5.72 -6.88
C GLY A 95 6.08 -4.59 -7.87
N ALA A 96 6.64 -4.90 -9.03
CA ALA A 96 6.87 -3.88 -10.06
C ALA A 96 5.59 -3.66 -10.88
N ASN A 97 4.71 -2.82 -10.31
CA ASN A 97 3.38 -2.59 -10.84
C ASN A 97 3.19 -1.09 -11.13
N PRO A 98 3.55 -0.67 -12.35
CA PRO A 98 3.67 0.77 -12.67
C PRO A 98 2.41 1.58 -12.45
N ALA A 99 1.25 1.07 -12.89
CA ALA A 99 -0.01 1.84 -12.76
C ALA A 99 -0.44 1.96 -11.30
N ALA A 100 -0.30 0.89 -10.54
CA ALA A 100 -0.61 0.93 -9.10
C ALA A 100 0.29 1.95 -8.37
N ILE A 101 1.57 1.92 -8.68
CA ILE A 101 2.53 2.82 -8.07
C ILE A 101 2.23 4.26 -8.49
N LYS A 102 1.98 4.49 -9.78
CA LYS A 102 1.72 5.88 -10.25
C LYS A 102 0.46 6.47 -9.63
N GLN A 103 -0.60 5.66 -9.55
CA GLN A 103 -1.84 6.15 -9.00
C GLN A 103 -1.79 6.34 -7.48
N ALA A 104 -0.99 5.53 -6.78
CA ALA A 104 -0.76 5.73 -5.35
C ALA A 104 -0.03 7.05 -5.19
N ILE A 105 0.91 7.32 -6.09
CA ILE A 105 1.64 8.62 -6.03
C ILE A 105 0.68 9.79 -6.31
N ALA A 106 -0.07 9.69 -7.42
CA ALA A 106 -0.93 10.79 -7.84
C ALA A 106 -2.00 11.14 -6.80
N ALA A 107 -2.48 10.12 -6.09
CA ALA A 107 -3.46 10.30 -5.05
C ALA A 107 -2.92 11.13 -3.87
N ASN A 108 -1.62 11.05 -3.63
CA ASN A 108 -1.03 11.64 -2.42
C ASN A 108 -0.06 12.81 -2.62
N ALA A 109 0.34 13.04 -3.86
CA ALA A 109 1.32 14.09 -4.17
C ALA A 109 0.80 15.52 -3.95
N HIS B 6 -24.49 -9.13 -1.49
CA HIS B 6 -24.25 -9.80 -2.81
C HIS B 6 -22.77 -9.92 -3.14
N MET B 7 -22.06 -8.78 -3.19
CA MET B 7 -20.68 -8.80 -3.69
C MET B 7 -19.53 -8.31 -2.77
N VAL B 8 -19.87 -7.65 -1.68
CA VAL B 8 -18.91 -7.31 -0.62
C VAL B 8 -19.46 -7.95 0.64
N THR B 9 -18.68 -8.81 1.28
CA THR B 9 -19.20 -9.40 2.52
C THR B 9 -18.61 -8.69 3.73
N GLN B 10 -19.39 -8.63 4.79
CA GLN B 10 -18.85 -8.00 5.98
C GLN B 10 -18.20 -9.10 6.80
N PHE B 11 -16.90 -8.97 7.08
CA PHE B 11 -16.25 -9.88 8.05
C PHE B 11 -16.95 -9.85 9.41
N LYS B 12 -17.11 -11.04 10.00
CA LYS B 12 -17.79 -11.19 11.29
C LYS B 12 -16.88 -11.61 12.44
N THR B 13 -15.85 -12.41 12.13
CA THR B 13 -14.94 -12.93 13.15
C THR B 13 -13.48 -12.81 12.70
N ALA B 14 -12.57 -12.75 13.69
CA ALA B 14 -11.14 -12.73 13.39
C ALA B 14 -10.64 -13.99 12.65
N SER B 15 -11.15 -15.16 13.05
CA SER B 15 -10.83 -16.43 12.38
C SER B 15 -11.26 -16.43 10.90
N GLU B 16 -12.43 -15.85 10.62
CA GLU B 16 -12.89 -15.72 9.23
C GLU B 16 -11.91 -14.90 8.40
N PHE B 17 -11.49 -13.73 8.94
CA PHE B 17 -10.49 -12.89 8.30
C PHE B 17 -9.17 -13.63 8.10
N ASP B 18 -8.67 -14.22 9.17
CA ASP B 18 -7.35 -14.87 9.19
C ASP B 18 -7.20 -15.85 8.05
N SER B 19 -8.25 -16.64 7.83
CA SER B 19 -8.18 -17.70 6.84
C SER B 19 -8.67 -17.28 5.46
N ALA B 20 -9.46 -16.20 5.39
CA ALA B 20 -9.82 -15.67 4.07
C ALA B 20 -8.54 -15.15 3.39
N ILE B 21 -7.69 -14.46 4.15
CA ILE B 21 -6.55 -13.82 3.48
C ILE B 21 -5.47 -14.81 3.07
N ALA B 22 -5.55 -16.04 3.60
CA ALA B 22 -4.58 -17.09 3.30
C ALA B 22 -4.76 -17.67 1.91
N GLN B 23 -5.96 -17.52 1.35
CA GLN B 23 -6.29 -18.12 0.05
C GLN B 23 -5.41 -17.66 -1.09
N ASP B 24 -5.26 -18.54 -2.08
CA ASP B 24 -4.52 -18.26 -3.30
C ASP B 24 -5.38 -17.46 -4.28
N LYS B 25 -5.88 -16.32 -3.83
CA LYS B 25 -6.64 -15.41 -4.68
C LYS B 25 -6.51 -14.03 -4.06
N LEU B 26 -6.88 -12.99 -4.82
CA LEU B 26 -6.87 -11.65 -4.24
C LEU B 26 -8.04 -11.45 -3.30
N VAL B 27 -7.72 -10.98 -2.09
CA VAL B 27 -8.74 -10.65 -1.10
C VAL B 27 -8.57 -9.15 -0.76
N VAL B 28 -9.63 -8.39 -0.98
CA VAL B 28 -9.63 -6.91 -0.80
C VAL B 28 -10.46 -6.58 0.42
N VAL B 29 -9.88 -5.82 1.36
CA VAL B 29 -10.55 -5.55 2.63
C VAL B 29 -10.61 -4.06 2.94
N ASP B 30 -11.84 -3.58 3.03
CA ASP B 30 -12.15 -2.19 3.33
C ASP B 30 -12.30 -2.05 4.87
N PHE B 31 -11.30 -1.46 5.52
CA PHE B 31 -11.37 -1.19 6.97
C PHE B 31 -12.01 0.20 7.14
N TYR B 32 -13.14 0.26 7.80
CA TYR B 32 -13.90 1.51 7.95
C TYR B 32 -14.43 1.62 9.38
N ALA B 33 -14.98 2.79 9.72
CA ALA B 33 -15.73 2.98 10.95
C ALA B 33 -16.99 3.79 10.64
N THR B 34 -18.10 3.49 11.29
CA THR B 34 -19.40 4.12 10.97
C THR B 34 -19.44 5.61 11.32
N TRP B 35 -18.55 6.03 12.24
CA TRP B 35 -18.49 7.44 12.65
C TRP B 35 -17.63 8.25 11.68
N CYS B 36 -16.91 7.56 10.79
CA CYS B 36 -16.01 8.21 9.83
C CYS B 36 -16.58 8.19 8.41
N GLY B 37 -17.18 9.33 8.03
CA GLY B 37 -17.85 9.47 6.73
C GLY B 37 -17.02 9.11 5.52
N PRO B 38 -15.79 9.68 5.43
CA PRO B 38 -14.89 9.30 4.34
C PRO B 38 -14.71 7.79 4.22
N SER B 39 -14.67 7.08 5.35
CA SER B 39 -14.49 5.62 5.30
C SER B 39 -15.72 4.85 4.80
N LYS B 40 -16.89 5.46 4.99
CA LYS B 40 -18.14 4.90 4.49
C LYS B 40 -18.25 5.02 2.97
N MET B 41 -17.43 5.87 2.38
CA MET B 41 -17.40 6.04 0.93
C MET B 41 -16.75 4.90 0.16
N ILE B 42 -16.01 4.05 0.86
CA ILE B 42 -15.30 2.97 0.17
C ILE B 42 -16.27 1.88 -0.33
N ALA B 43 -17.25 1.54 0.52
CA ALA B 43 -18.23 0.50 0.19
C ALA B 43 -18.85 0.56 -1.25
N PRO B 44 -19.53 1.67 -1.62
CA PRO B 44 -20.16 1.67 -2.97
C PRO B 44 -19.12 1.63 -4.10
N MET B 45 -17.95 2.18 -3.83
CA MET B 45 -16.83 2.16 -4.76
C MET B 45 -16.34 0.71 -4.98
N ILE B 46 -16.09 -0.02 -3.89
CA ILE B 46 -15.58 -1.40 -4.06
C ILE B 46 -16.70 -2.32 -4.51
N GLU B 47 -17.95 -1.94 -4.24
CA GLU B 47 -19.11 -2.65 -4.80
C GLU B 47 -19.01 -2.63 -6.34
N LYS B 48 -18.74 -1.45 -6.89
CA LYS B 48 -18.54 -1.33 -8.32
C LYS B 48 -17.32 -2.12 -8.81
N PHE B 49 -16.20 -1.97 -8.11
CA PHE B 49 -14.96 -2.66 -8.53
C PHE B 49 -15.12 -4.18 -8.48
N SER B 50 -15.90 -4.66 -7.49
CA SER B 50 -16.18 -6.07 -7.32
C SER B 50 -16.80 -6.73 -8.57
N GLU B 51 -17.56 -5.95 -9.36
CA GLU B 51 -18.14 -6.41 -10.61
C GLU B 51 -17.11 -6.45 -11.75
N GLN B 52 -16.10 -5.59 -11.66
CA GLN B 52 -15.04 -5.51 -12.67
C GLN B 52 -13.94 -6.58 -12.46
N TYR B 53 -13.76 -7.00 -11.20
CA TYR B 53 -12.75 -8.02 -10.83
C TYR B 53 -13.41 -9.16 -10.04
N PRO B 54 -14.31 -9.93 -10.69
CA PRO B 54 -15.00 -11.00 -9.98
C PRO B 54 -14.09 -12.14 -9.50
N GLN B 55 -12.88 -12.21 -10.04
CA GLN B 55 -11.89 -13.24 -9.64
C GLN B 55 -11.25 -12.95 -8.26
N ALA B 56 -11.52 -11.75 -7.75
CA ALA B 56 -11.11 -11.34 -6.41
C ALA B 56 -12.30 -11.31 -5.43
N ASP B 57 -12.01 -11.54 -4.16
CA ASP B 57 -13.06 -11.45 -3.14
C ASP B 57 -12.99 -10.11 -2.43
N PHE B 58 -14.15 -9.46 -2.30
CA PHE B 58 -14.22 -8.13 -1.65
C PHE B 58 -14.93 -8.23 -0.32
N TYR B 59 -14.36 -7.55 0.68
CA TYR B 59 -14.90 -7.51 2.03
C TYR B 59 -14.84 -6.13 2.59
N LYS B 60 -15.68 -5.89 3.60
CA LYS B 60 -15.49 -4.76 4.52
C LYS B 60 -15.42 -5.23 5.97
N LEU B 61 -14.79 -4.41 6.79
CA LEU B 61 -14.55 -4.76 8.18
C LEU B 61 -14.71 -3.48 8.96
N ASP B 62 -15.69 -3.50 9.86
CA ASP B 62 -15.96 -2.39 10.77
C ASP B 62 -14.97 -2.51 11.93
N VAL B 63 -14.02 -1.57 12.01
CA VAL B 63 -12.97 -1.63 13.01
C VAL B 63 -13.48 -1.57 14.45
N ASP B 64 -14.69 -1.03 14.63
CA ASP B 64 -15.30 -1.00 15.95
C ASP B 64 -15.94 -2.35 16.32
N GLU B 65 -16.13 -3.21 15.31
CA GLU B 65 -16.61 -4.61 15.52
C GLU B 65 -15.46 -5.61 15.67
N LEU B 66 -14.39 -5.42 14.89
CA LEU B 66 -13.25 -6.35 14.85
C LEU B 66 -11.94 -5.57 15.03
N GLY B 67 -11.89 -4.82 16.12
CA GLY B 67 -10.74 -3.98 16.45
C GLY B 67 -9.45 -4.78 16.63
N ASP B 68 -9.58 -6.03 17.08
CA ASP B 68 -8.43 -6.93 17.17
C ASP B 68 -7.73 -7.12 15.81
N VAL B 69 -8.55 -7.34 14.77
CA VAL B 69 -8.03 -7.46 13.40
C VAL B 69 -7.42 -6.15 12.91
N ALA B 70 -8.14 -5.03 13.14
CA ALA B 70 -7.62 -3.70 12.80
C ALA B 70 -6.23 -3.49 13.44
N GLN B 71 -6.15 -3.74 14.74
CA GLN B 71 -4.91 -3.61 15.53
C GLN B 71 -3.77 -4.50 15.00
N LYS B 72 -4.04 -5.79 14.86
CA LYS B 72 -3.06 -6.76 14.34
C LYS B 72 -2.53 -6.39 12.94
N ASN B 73 -3.38 -5.75 12.12
CA ASN B 73 -2.96 -5.29 10.79
C ASN B 73 -2.48 -3.84 10.74
N GLU B 74 -2.33 -3.24 11.91
CA GLU B 74 -1.70 -1.93 12.04
C GLU B 74 -2.49 -0.88 11.25
N VAL B 75 -3.80 -1.05 11.25
CA VAL B 75 -4.70 -0.08 10.64
C VAL B 75 -4.99 1.03 11.63
N SER B 76 -4.61 2.25 11.26
CA SER B 76 -4.90 3.40 12.12
C SER B 76 -5.92 4.33 11.44
N ALA B 77 -5.58 4.83 10.26
CA ALA B 77 -6.41 5.80 9.56
C ALA B 77 -7.62 5.15 8.86
N MET B 78 -8.78 5.81 8.95
CA MET B 78 -10.02 5.35 8.29
C MET B 78 -10.28 6.21 7.05
N PRO B 79 -10.55 5.60 5.87
CA PRO B 79 -10.51 4.17 5.60
C PRO B 79 -9.10 3.71 5.25
N THR B 80 -8.86 2.42 5.47
CA THR B 80 -7.65 1.77 4.93
C THR B 80 -8.10 0.55 4.14
N LEU B 81 -7.62 0.47 2.91
CA LEU B 81 -7.85 -0.68 2.07
C LEU B 81 -6.61 -1.56 2.09
N LEU B 82 -6.76 -2.80 2.52
CA LEU B 82 -5.66 -3.79 2.47
C LEU B 82 -5.97 -4.90 1.49
N LEU B 83 -4.97 -5.25 0.69
CA LEU B 83 -5.09 -6.30 -0.34
C LEU B 83 -4.15 -7.41 0.06
N PHE B 84 -4.69 -8.63 0.00
CA PHE B 84 -3.93 -9.82 0.37
C PHE B 84 -3.97 -10.88 -0.71
N LYS B 85 -2.91 -11.68 -0.73
CA LYS B 85 -2.86 -12.88 -1.55
C LYS B 85 -1.93 -13.89 -0.93
N ASN B 86 -2.44 -15.11 -0.75
CA ASN B 86 -1.66 -16.19 -0.16
CA ASN B 86 -1.69 -16.21 -0.16
C ASN B 86 -1.05 -15.83 1.19
N GLY B 87 -1.84 -15.12 2.01
CA GLY B 87 -1.46 -14.72 3.36
C GLY B 87 -0.58 -13.49 3.49
N LYS B 88 -0.18 -12.91 2.36
CA LYS B 88 0.74 -11.76 2.37
C LYS B 88 0.02 -10.51 1.94
N GLU B 89 0.36 -9.38 2.59
CA GLU B 89 -0.23 -8.11 2.25
C GLU B 89 0.49 -7.58 1.02
N VAL B 90 -0.25 -7.48 -0.09
CA VAL B 90 0.31 -7.03 -1.37
C VAL B 90 0.11 -5.52 -1.66
N ALA B 91 -0.84 -4.88 -1.00
CA ALA B 91 -1.00 -3.42 -1.16
C ALA B 91 -1.76 -2.80 -0.01
N LYS B 92 -1.56 -1.50 0.21
CA LYS B 92 -2.31 -0.77 1.21
C LYS B 92 -2.62 0.58 0.56
N VAL B 93 -3.87 1.01 0.66
CA VAL B 93 -4.24 2.37 0.23
C VAL B 93 -5.07 3.02 1.34
N VAL B 94 -4.54 4.11 1.90
CA VAL B 94 -5.25 4.89 2.89
C VAL B 94 -6.00 5.97 2.13
N GLY B 95 -7.28 6.09 2.45
CA GLY B 95 -8.13 7.21 2.00
C GLY B 95 -8.98 6.70 0.87
N ALA B 96 -10.04 7.47 0.56
CA ALA B 96 -10.91 7.13 -0.56
C ALA B 96 -10.32 7.65 -1.88
N ASN B 97 -9.41 6.87 -2.45
CA ASN B 97 -8.63 7.25 -3.62
C ASN B 97 -8.92 6.21 -4.69
N PRO B 98 -9.98 6.46 -5.48
CA PRO B 98 -10.49 5.40 -6.36
C PRO B 98 -9.48 4.87 -7.38
N ALA B 99 -8.73 5.75 -8.05
CA ALA B 99 -7.76 5.24 -9.04
C ALA B 99 -6.62 4.44 -8.43
N ALA B 100 -6.10 4.89 -7.28
CA ALA B 100 -5.08 4.10 -6.53
C ALA B 100 -5.65 2.73 -6.14
N ILE B 101 -6.89 2.72 -5.63
CA ILE B 101 -7.51 1.45 -5.23
C ILE B 101 -7.71 0.52 -6.43
N LYS B 102 -8.28 1.05 -7.50
CA LYS B 102 -8.55 0.26 -8.69
C LYS B 102 -7.27 -0.35 -9.25
N GLN B 103 -6.22 0.47 -9.37
CA GLN B 103 -4.99 -0.06 -9.96
C GLN B 103 -4.26 -1.03 -9.03
N ALA B 104 -4.39 -0.86 -7.71
CA ALA B 104 -3.86 -1.88 -6.80
C ALA B 104 -4.61 -3.21 -7.00
N ILE B 105 -5.93 -3.12 -7.21
CA ILE B 105 -6.72 -4.34 -7.46
C ILE B 105 -6.32 -4.98 -8.79
N ALA B 106 -6.25 -4.18 -9.85
CA ALA B 106 -5.92 -4.68 -11.19
C ALA B 106 -4.56 -5.39 -11.19
N ALA B 107 -3.60 -4.84 -10.43
CA ALA B 107 -2.25 -5.38 -10.39
C ALA B 107 -2.17 -6.74 -9.72
N ASN B 108 -3.15 -7.07 -8.88
CA ASN B 108 -3.10 -8.29 -8.05
C ASN B 108 -4.20 -9.33 -8.30
N ALA B 109 -5.22 -8.94 -9.07
CA ALA B 109 -6.39 -9.80 -9.29
C ALA B 109 -6.02 -11.05 -10.09
N1 GSH C . 6.99 -10.13 -8.20
CA1 GSH C . 7.76 -11.15 -8.90
C1 GSH C . 7.54 -11.09 -10.39
O11 GSH C . 6.37 -11.19 -10.85
O12 GSH C . 8.51 -10.98 -11.20
CB1 GSH C . 9.22 -10.92 -8.59
CG1 GSH C . 9.41 -10.41 -7.18
CD1 GSH C . 10.08 -11.52 -6.42
OE1 GSH C . 10.13 -12.85 -6.90
N2 GSH C . 10.65 -11.19 -5.29
CA2 GSH C . 11.37 -12.19 -4.59
C2 GSH C . 10.98 -12.08 -3.12
O2 GSH C . 11.24 -10.88 -2.44
CB2 GSH C . 12.82 -11.88 -5.06
SG2 GSH C . 13.19 -11.15 -6.73
N3 GSH C . 10.36 -13.06 -2.42
CA3 GSH C . 10.15 -12.85 -0.97
C3 GSH C . 9.04 -13.55 -0.19
O31 GSH C . 9.20 -14.71 0.28
O32 GSH C . 7.94 -12.99 0.06
S SO4 D . 0.58 -2.08 -15.41
O1 SO4 D . 1.34 -2.77 -16.44
O2 SO4 D . -0.84 -2.20 -15.72
O3 SO4 D . 0.95 -0.67 -15.38
O4 SO4 D . 0.92 -2.60 -14.08
N1 GSH E . -10.47 9.26 4.38
CA1 GSH E . -9.48 10.32 4.30
C1 GSH E . -9.52 10.87 2.87
O11 GSH E . -10.08 10.21 1.96
O12 GSH E . -8.99 11.97 2.55
CB1 GSH E . -9.72 11.34 5.43
CG1 GSH E . -10.51 10.66 6.55
CD1 GSH E . -10.16 11.08 7.97
OE1 GSH E . -10.35 12.37 8.48
N2 GSH E . -9.67 10.13 8.75
CA2 GSH E . -9.93 10.13 10.17
C2 GSH E . -8.88 9.24 10.85
O2 GSH E . -9.04 7.86 10.78
CB2 GSH E . -11.44 9.76 10.41
SG2 GSH E . -12.92 10.17 9.36
N3 GSH E . -7.77 9.68 11.51
CA3 GSH E . -7.02 8.68 12.29
C3 GSH E . -5.62 8.97 12.85
O31 GSH E . -4.66 8.22 12.54
O32 GSH E . -5.39 9.90 13.66
S SO4 F . -9.01 9.63 -8.73
O1 SO4 F . -8.75 8.44 -7.94
O2 SO4 F . -9.96 9.28 -9.79
O3 SO4 F . -9.61 10.64 -7.87
O4 SO4 F . -7.81 10.16 -9.36
S SO4 G . 3.27 -9.85 5.06
O1 SO4 G . 3.49 -11.11 5.77
O2 SO4 G . 1.85 -9.60 4.89
O3 SO4 G . 3.93 -9.89 3.75
O4 SO4 G . 3.84 -8.74 5.82
#